data_6PNX
#
_entry.id   6PNX
#
_cell.length_a   54.686
_cell.length_b   93.253
_cell.length_c   75.490
_cell.angle_alpha   90.000
_cell.angle_beta   103.060
_cell.angle_gamma   90.000
#
_symmetry.space_group_name_H-M   'P 1 21 1'
#
loop_
_entity.id
_entity.type
_entity.pdbx_description
1 polymer 'Fibroblast growth factor receptor 3'
2 non-polymer 'PHOSPHOMETHYLPHOSPHONIC ACID ADENYLATE ESTER'
3 non-polymer 'SULFATE ION'
4 water water
#
_entity_poly.entity_id   1
_entity_poly.type   'polypeptide(L)'
_entity_poly.pdbx_seq_one_letter_code
;MGSSHHHHHHSQDPTLANVSELELPADPKWELSRARLTLGKPLGEGAFGQVVMAEAIGIDKDRAAKPVTVAVKMLKDDAT
DKDLSDLVSEMEMMKMIGKHKNIINLLGACTQGGPLYVLVEYAAKGNLREFLRARRPPGLDYSFDTSKPPEEQLTFKDLV
SCAYQVARGMEYLASQKCIHRDLAARNVLVTEDNVMKIADFGLARDVHNLDYYKKTTNGRLPVKWMAPEALFDEVYTHQS
DVWSFGVLLWEIFTLGGSPYPGIPVEELFKLLKEGHRMDKPANCTHDLYMIMRECWHAAPSQRPTFKQLVEDLDRVLTVT
STDE
;
_entity_poly.pdbx_strand_id   A,B
#
# COMPACT_ATOMS: atom_id res chain seq x y z
N GLU A 21 2.44 -16.43 25.56
CA GLU A 21 1.67 -16.25 24.33
C GLU A 21 0.26 -15.77 24.64
N LEU A 22 -0.52 -15.52 23.58
CA LEU A 22 -1.87 -14.98 23.72
C LEU A 22 -2.84 -15.88 22.95
N GLU A 23 -3.93 -16.26 23.62
CA GLU A 23 -4.98 -17.07 23.00
C GLU A 23 -6.15 -16.18 22.62
N LEU A 24 -6.63 -16.34 21.39
CA LEU A 24 -7.78 -15.57 20.93
C LEU A 24 -9.06 -16.09 21.59
N PRO A 25 -10.05 -15.22 21.79
CA PRO A 25 -11.34 -15.69 22.31
C PRO A 25 -11.99 -16.67 21.34
N ALA A 26 -12.66 -17.66 21.91
CA ALA A 26 -13.23 -18.74 21.10
C ALA A 26 -14.52 -18.30 20.43
N ASP A 27 -14.68 -18.71 19.16
CA ASP A 27 -15.93 -18.51 18.45
C ASP A 27 -16.66 -19.84 18.42
N PRO A 28 -17.79 -19.98 19.14
CA PRO A 28 -18.45 -21.30 19.20
C PRO A 28 -18.95 -21.80 17.87
N LYS A 29 -19.13 -20.91 16.88
CA LYS A 29 -19.59 -21.36 15.57
C LYS A 29 -18.49 -22.11 14.82
N TRP A 30 -17.23 -21.75 15.03
CA TRP A 30 -16.12 -22.33 14.28
C TRP A 30 -15.14 -23.11 15.14
N GLU A 31 -15.26 -23.08 16.47
CA GLU A 31 -14.27 -23.69 17.32
C GLU A 31 -14.34 -25.22 17.21
N LEU A 32 -13.19 -25.83 16.93
CA LEU A 32 -13.05 -27.28 16.96
C LEU A 32 -12.05 -27.67 18.04
N SER A 33 -12.39 -28.68 18.82
CA SER A 33 -11.48 -29.17 19.85
C SER A 33 -10.21 -29.73 19.21
N ARG A 34 -9.06 -29.22 19.65
CA ARG A 34 -7.80 -29.65 19.06
C ARG A 34 -7.45 -31.10 19.38
N ALA A 35 -8.21 -31.76 20.25
CA ALA A 35 -8.03 -33.19 20.48
C ALA A 35 -8.59 -34.03 19.35
N ARG A 36 -9.42 -33.45 18.49
CA ARG A 36 -9.97 -34.13 17.33
C ARG A 36 -9.11 -33.97 16.09
N LEU A 37 -7.92 -33.40 16.23
CA LEU A 37 -7.05 -33.07 15.10
C LEU A 37 -5.75 -33.86 15.20
N THR A 38 -5.29 -34.37 14.06
CA THR A 38 -4.04 -35.12 13.98
C THR A 38 -3.19 -34.51 12.87
N LEU A 39 -2.16 -33.75 13.24
CA LEU A 39 -1.30 -33.10 12.26
C LEU A 39 -0.46 -34.14 11.51
N GLY A 40 -0.20 -33.84 10.24
CA GLY A 40 0.56 -34.75 9.39
C GLY A 40 1.72 -34.09 8.69
N LYS A 41 1.88 -34.37 7.39
CA LYS A 41 3.00 -33.85 6.63
C LYS A 41 2.83 -32.36 6.34
N PRO A 42 3.91 -31.58 6.39
CA PRO A 42 3.80 -30.17 6.04
C PRO A 42 3.56 -29.97 4.55
N LEU A 43 2.77 -28.95 4.23
CA LEU A 43 2.47 -28.62 2.84
C LEU A 43 3.28 -27.45 2.32
N GLY A 44 3.98 -26.74 3.18
CA GLY A 44 4.79 -25.61 2.79
C GLY A 44 4.81 -24.54 3.86
N GLU A 45 5.80 -23.66 3.77
CA GLU A 45 5.95 -22.56 4.71
C GLU A 45 6.27 -21.28 3.95
N GLY A 46 5.86 -20.15 4.53
CA GLY A 46 6.10 -18.87 3.91
C GLY A 46 6.26 -17.74 4.90
N ALA A 47 6.12 -16.50 4.43
CA ALA A 47 6.24 -15.36 5.33
C ALA A 47 5.10 -15.30 6.32
N PHE A 48 3.93 -15.83 5.96
CA PHE A 48 2.79 -15.84 6.88
C PHE A 48 3.05 -16.81 8.03
N GLY A 49 3.38 -18.05 7.71
CA GLY A 49 3.64 -19.06 8.72
C GLY A 49 3.99 -20.41 8.11
N GLN A 50 3.06 -21.36 8.20
CA GLN A 50 3.26 -22.68 7.62
C GLN A 50 1.91 -23.37 7.49
N VAL A 51 1.76 -24.16 6.43
CA VAL A 51 0.55 -24.94 6.19
C VAL A 51 0.89 -26.40 6.40
N VAL A 52 0.09 -27.09 7.21
CA VAL A 52 0.31 -28.47 7.58
C VAL A 52 -0.93 -29.28 7.23
N MET A 53 -0.73 -30.39 6.51
CA MET A 53 -1.80 -31.33 6.25
C MET A 53 -2.18 -32.06 7.53
N ALA A 54 -3.48 -32.31 7.72
CA ALA A 54 -3.93 -32.94 8.94
C ALA A 54 -5.25 -33.66 8.70
N GLU A 55 -5.64 -34.47 9.68
CA GLU A 55 -6.89 -35.22 9.66
C GLU A 55 -7.78 -34.72 10.79
N ALA A 56 -8.97 -34.26 10.45
CA ALA A 56 -9.91 -33.71 11.43
C ALA A 56 -11.12 -34.63 11.54
N ILE A 57 -11.45 -35.03 12.76
CA ILE A 57 -12.60 -35.89 13.04
C ILE A 57 -13.67 -35.03 13.70
N GLY A 58 -14.89 -35.10 13.16
CA GLY A 58 -15.99 -34.31 13.68
C GLY A 58 -16.16 -32.95 13.05
N ILE A 59 -15.42 -32.64 11.99
CA ILE A 59 -15.58 -31.35 11.32
C ILE A 59 -16.93 -31.28 10.62
N ASP A 60 -17.56 -32.43 10.34
CA ASP A 60 -18.91 -32.49 9.81
C ASP A 60 -19.85 -32.80 10.96
N LYS A 61 -20.69 -31.84 11.34
CA LYS A 61 -21.59 -32.03 12.46
C LYS A 61 -22.69 -33.04 12.15
N ASP A 62 -22.93 -33.34 10.87
CA ASP A 62 -23.89 -34.37 10.51
C ASP A 62 -23.32 -35.77 10.69
N ARG A 63 -21.99 -35.91 10.58
CA ARG A 63 -21.29 -37.18 10.77
C ARG A 63 -20.14 -36.93 11.74
N ALA A 64 -20.44 -36.95 13.03
CA ALA A 64 -19.51 -36.53 14.07
C ALA A 64 -18.27 -37.41 14.16
N ALA A 65 -18.23 -38.56 13.49
CA ALA A 65 -17.09 -39.47 13.55
C ALA A 65 -16.36 -39.60 12.22
N LYS A 66 -16.78 -38.88 11.19
CA LYS A 66 -16.15 -38.99 9.88
C LYS A 66 -14.85 -38.20 9.85
N PRO A 67 -13.70 -38.84 9.62
CA PRO A 67 -12.45 -38.10 9.50
C PRO A 67 -12.36 -37.40 8.15
N VAL A 68 -11.92 -36.14 8.18
CA VAL A 68 -11.82 -35.31 6.99
C VAL A 68 -10.42 -34.71 6.93
N THR A 69 -9.75 -34.89 5.80
CA THR A 69 -8.44 -34.29 5.60
C THR A 69 -8.58 -32.79 5.37
N VAL A 70 -7.87 -32.00 6.18
CA VAL A 70 -7.93 -30.55 6.12
C VAL A 70 -6.50 -30.00 6.05
N ALA A 71 -6.41 -28.71 5.72
CA ALA A 71 -5.15 -27.98 5.73
C ALA A 71 -5.16 -27.02 6.91
N VAL A 72 -4.09 -27.05 7.70
CA VAL A 72 -3.99 -26.27 8.92
C VAL A 72 -3.00 -25.14 8.70
N LYS A 73 -3.47 -23.91 8.86
CA LYS A 73 -2.63 -22.72 8.81
C LYS A 73 -2.27 -22.31 10.23
N MET A 74 -0.97 -22.18 10.49
CA MET A 74 -0.48 -21.87 11.82
C MET A 74 0.75 -20.98 11.71
N LEU A 75 1.18 -20.46 12.85
CA LEU A 75 2.38 -19.63 12.91
C LEU A 75 3.61 -20.50 13.12
N LYS A 76 4.73 -20.06 12.54
CA LYS A 76 6.00 -20.73 12.75
C LYS A 76 6.63 -20.25 14.06
N ASP A 77 7.77 -20.84 14.41
CA ASP A 77 8.43 -20.47 15.66
C ASP A 77 8.88 -19.01 15.65
N ASP A 78 9.27 -18.50 14.47
CA ASP A 78 9.72 -17.12 14.35
C ASP A 78 8.53 -16.24 13.94
N ALA A 79 7.57 -16.14 14.84
CA ALA A 79 6.35 -15.37 14.63
C ALA A 79 6.30 -14.22 15.62
N THR A 80 5.97 -13.03 15.11
CA THR A 80 5.86 -11.83 15.93
C THR A 80 4.39 -11.54 16.23
N ASP A 81 4.13 -10.39 16.85
CA ASP A 81 2.76 -10.02 17.18
C ASP A 81 1.96 -9.66 15.93
N LYS A 82 2.63 -9.14 14.89
CA LYS A 82 1.92 -8.79 13.67
C LYS A 82 1.52 -10.04 12.89
N ASP A 83 2.36 -11.07 12.93
CA ASP A 83 2.03 -12.31 12.21
C ASP A 83 0.78 -12.97 12.80
N LEU A 84 0.59 -12.86 14.12
CA LEU A 84 -0.62 -13.38 14.74
C LEU A 84 -1.84 -12.57 14.30
N SER A 85 -1.73 -11.24 14.30
CA SER A 85 -2.85 -10.40 13.91
C SER A 85 -3.20 -10.59 12.44
N ASP A 86 -2.21 -10.85 11.58
CA ASP A 86 -2.49 -11.08 10.17
C ASP A 86 -3.23 -12.41 9.97
N LEU A 87 -2.86 -13.44 10.73
CA LEU A 87 -3.54 -14.72 10.63
C LEU A 87 -4.98 -14.62 11.14
N VAL A 88 -5.18 -13.91 12.25
CA VAL A 88 -6.53 -13.71 12.76
C VAL A 88 -7.35 -12.87 11.79
N SER A 89 -6.71 -11.89 11.14
CA SER A 89 -7.41 -11.07 10.17
C SER A 89 -7.88 -11.89 8.99
N GLU A 90 -7.06 -12.83 8.52
CA GLU A 90 -7.46 -13.68 7.40
C GLU A 90 -8.59 -14.61 7.80
N MET A 91 -8.55 -15.13 9.04
CA MET A 91 -9.62 -16.02 9.51
C MET A 91 -10.95 -15.29 9.60
N GLU A 92 -10.95 -14.10 10.21
CA GLU A 92 -12.18 -13.34 10.34
C GLU A 92 -12.71 -12.89 8.99
N MET A 93 -11.82 -12.68 8.02
CA MET A 93 -12.27 -12.29 6.68
C MET A 93 -13.00 -13.43 5.99
N MET A 94 -12.50 -14.66 6.14
CA MET A 94 -13.17 -15.81 5.53
C MET A 94 -14.54 -16.04 6.14
N LYS A 95 -14.73 -15.70 7.42
CA LYS A 95 -16.04 -15.84 8.04
C LYS A 95 -17.07 -14.92 7.40
N MET A 96 -16.68 -13.68 7.10
CA MET A 96 -17.62 -12.70 6.57
C MET A 96 -17.88 -12.89 5.08
N ILE A 97 -16.91 -13.42 4.34
CA ILE A 97 -17.07 -13.56 2.89
C ILE A 97 -18.09 -14.65 2.56
N GLY A 98 -18.06 -15.75 3.30
CA GLY A 98 -19.01 -16.82 3.09
C GLY A 98 -18.39 -17.99 2.33
N LYS A 99 -19.24 -18.96 2.05
CA LYS A 99 -18.82 -20.20 1.40
C LYS A 99 -19.14 -20.19 -0.08
N HIS A 100 -18.23 -20.76 -0.88
CA HIS A 100 -18.46 -20.97 -2.30
C HIS A 100 -17.60 -22.14 -2.75
N LYS A 101 -18.09 -22.87 -3.76
CA LYS A 101 -17.41 -24.08 -4.19
C LYS A 101 -16.03 -23.79 -4.77
N ASN A 102 -15.85 -22.65 -5.44
CA ASN A 102 -14.62 -22.37 -6.16
C ASN A 102 -13.66 -21.47 -5.38
N ILE A 103 -13.70 -21.53 -4.05
CA ILE A 103 -12.73 -20.85 -3.20
C ILE A 103 -12.31 -21.80 -2.09
N ILE A 104 -11.14 -21.53 -1.51
CA ILE A 104 -10.68 -22.28 -0.34
C ILE A 104 -11.52 -21.81 0.85
N ASN A 105 -12.39 -22.69 1.34
CA ASN A 105 -13.34 -22.32 2.38
C ASN A 105 -12.79 -22.61 3.76
N LEU A 106 -13.20 -21.79 4.73
CA LEU A 106 -12.86 -22.02 6.13
C LEU A 106 -13.70 -23.16 6.69
N LEU A 107 -13.04 -24.05 7.44
CA LEU A 107 -13.70 -25.21 8.03
C LEU A 107 -13.75 -25.19 9.55
N GLY A 108 -12.81 -24.51 10.21
CA GLY A 108 -12.81 -24.47 11.66
C GLY A 108 -11.59 -23.72 12.16
N ALA A 109 -11.48 -23.67 13.48
CA ALA A 109 -10.37 -22.97 14.11
C ALA A 109 -10.16 -23.53 15.52
N CYS A 110 -8.88 -23.61 15.92
CA CYS A 110 -8.50 -24.00 17.27
C CYS A 110 -7.87 -22.78 17.93
N THR A 111 -8.59 -22.19 18.89
CA THR A 111 -8.14 -20.97 19.55
C THR A 111 -7.85 -21.15 21.02
N GLN A 112 -8.25 -22.28 21.62
CA GLN A 112 -8.11 -22.50 23.05
C GLN A 112 -7.21 -23.69 23.31
N GLY A 113 -6.50 -23.64 24.43
CA GLY A 113 -5.64 -24.75 24.82
C GLY A 113 -4.44 -24.98 23.93
N GLY A 114 -3.94 -23.94 23.27
CA GLY A 114 -2.78 -24.08 22.41
C GLY A 114 -2.69 -22.99 21.37
N PRO A 115 -1.72 -23.10 20.48
CA PRO A 115 -1.55 -22.08 19.43
C PRO A 115 -2.71 -22.06 18.47
N LEU A 116 -2.80 -20.95 17.73
CA LEU A 116 -3.91 -20.75 16.80
C LEU A 116 -3.78 -21.65 15.59
N TYR A 117 -4.79 -22.47 15.34
CA TYR A 117 -4.88 -23.30 14.14
C TYR A 117 -6.08 -22.83 13.31
N VAL A 118 -5.86 -22.58 12.03
CA VAL A 118 -6.92 -22.17 11.11
C VAL A 118 -7.09 -23.30 10.11
N LEU A 119 -8.24 -23.95 10.12
CA LEU A 119 -8.52 -25.11 9.30
C LEU A 119 -9.27 -24.68 8.04
N VAL A 120 -8.70 -24.98 6.88
CA VAL A 120 -9.31 -24.68 5.60
C VAL A 120 -9.38 -25.97 4.78
N GLU A 121 -10.04 -25.88 3.63
CA GLU A 121 -10.18 -27.03 2.74
C GLU A 121 -8.83 -27.42 2.15
N TYR A 122 -8.62 -28.72 1.98
CA TYR A 122 -7.36 -29.28 1.50
C TYR A 122 -7.45 -29.57 0.01
N ALA A 123 -6.44 -29.14 -0.75
CA ALA A 123 -6.34 -29.38 -2.18
C ALA A 123 -5.19 -30.37 -2.42
N ALA A 124 -5.53 -31.59 -2.84
CA ALA A 124 -4.53 -32.65 -2.92
C ALA A 124 -3.54 -32.41 -4.06
N LYS A 125 -3.96 -31.79 -5.15
CA LYS A 125 -3.14 -31.67 -6.35
C LYS A 125 -2.37 -30.36 -6.42
N GLY A 126 -2.28 -29.62 -5.32
CA GLY A 126 -1.44 -28.43 -5.31
C GLY A 126 -2.06 -27.25 -6.05
N ASN A 127 -1.19 -26.31 -6.42
CA ASN A 127 -1.64 -25.11 -7.10
C ASN A 127 -1.78 -25.34 -8.59
N LEU A 128 -2.50 -24.43 -9.25
CA LEU A 128 -2.84 -24.61 -10.66
C LEU A 128 -1.62 -24.54 -11.55
N ARG A 129 -0.66 -23.66 -11.24
CA ARG A 129 0.52 -23.52 -12.09
C ARG A 129 1.32 -24.82 -12.15
N GLU A 130 1.59 -25.42 -10.98
CA GLU A 130 2.27 -26.71 -10.96
C GLU A 130 1.39 -27.82 -11.50
N PHE A 131 0.07 -27.69 -11.37
CA PHE A 131 -0.84 -28.68 -11.91
C PHE A 131 -0.77 -28.71 -13.44
N LEU A 132 -0.56 -27.56 -14.06
CA LEU A 132 -0.48 -27.50 -15.52
C LEU A 132 0.89 -27.91 -16.03
N ARG A 133 1.96 -27.43 -15.39
CA ARG A 133 3.31 -27.72 -15.87
C ARG A 133 3.64 -29.20 -15.77
N ALA A 134 3.05 -29.91 -14.81
CA ALA A 134 3.29 -31.34 -14.65
C ALA A 134 2.50 -32.19 -15.63
N ARG A 135 1.65 -31.58 -16.45
CA ARG A 135 0.80 -32.31 -17.39
C ARG A 135 0.93 -31.73 -18.80
N ARG A 136 2.15 -31.39 -19.20
CA ARG A 136 2.39 -30.88 -20.54
C ARG A 136 2.55 -32.03 -21.53
N PRO A 137 2.21 -31.81 -22.80
CA PRO A 137 2.32 -32.88 -23.80
C PRO A 137 3.75 -33.31 -23.99
N PRO A 138 4.01 -34.63 -24.08
CA PRO A 138 5.35 -35.17 -24.34
C PRO A 138 5.87 -34.80 -25.73
N PRO A 150 3.26 -40.00 -15.03
CA PRO A 150 1.98 -40.73 -15.07
C PRO A 150 0.84 -39.94 -14.44
N GLU A 151 0.56 -38.76 -15.00
CA GLU A 151 -0.50 -37.88 -14.50
C GLU A 151 -1.48 -37.52 -15.61
N GLU A 152 -1.68 -38.43 -16.56
CA GLU A 152 -2.63 -38.28 -17.67
C GLU A 152 -2.28 -37.02 -18.46
N GLN A 153 -3.27 -36.41 -19.09
CA GLN A 153 -3.07 -35.22 -19.91
C GLN A 153 -4.40 -34.52 -20.09
N LEU A 154 -4.37 -33.19 -20.09
CA LEU A 154 -5.59 -32.39 -20.16
C LEU A 154 -5.96 -32.11 -21.61
N THR A 155 -7.25 -31.96 -21.86
CA THR A 155 -7.77 -31.60 -23.17
C THR A 155 -8.10 -30.11 -23.19
N PHE A 156 -8.52 -29.63 -24.36
CA PHE A 156 -8.89 -28.22 -24.48
C PHE A 156 -10.12 -27.89 -23.64
N LYS A 157 -11.10 -28.79 -23.62
CA LYS A 157 -12.28 -28.57 -22.78
C LYS A 157 -11.93 -28.58 -21.30
N ASP A 158 -10.88 -29.32 -20.92
CA ASP A 158 -10.43 -29.29 -19.53
C ASP A 158 -9.84 -27.94 -19.17
N LEU A 159 -9.10 -27.32 -20.10
CA LEU A 159 -8.51 -26.01 -19.82
C LEU A 159 -9.58 -24.93 -19.77
N VAL A 160 -10.60 -25.03 -20.61
CA VAL A 160 -11.69 -24.06 -20.59
C VAL A 160 -12.49 -24.21 -19.30
N SER A 161 -12.74 -25.45 -18.88
CA SER A 161 -13.45 -25.68 -17.62
C SER A 161 -12.68 -25.11 -16.44
N CYS A 162 -11.35 -25.24 -16.45
CA CYS A 162 -10.53 -24.67 -15.37
CA CYS A 162 -10.54 -24.68 -15.37
C CYS A 162 -10.72 -23.17 -15.28
N ALA A 163 -10.75 -22.49 -16.43
CA ALA A 163 -10.94 -21.04 -16.43
C ALA A 163 -12.34 -20.67 -15.98
N TYR A 164 -13.34 -21.48 -16.37
CA TYR A 164 -14.72 -21.20 -15.98
C TYR A 164 -14.90 -21.28 -14.48
N GLN A 165 -14.28 -22.27 -13.83
CA GLN A 165 -14.41 -22.42 -12.39
C GLN A 165 -13.74 -21.25 -11.66
N VAL A 166 -12.58 -20.82 -12.14
CA VAL A 166 -11.91 -19.68 -11.52
C VAL A 166 -12.74 -18.41 -11.71
N ALA A 167 -13.33 -18.24 -12.89
CA ALA A 167 -14.19 -17.08 -13.13
C ALA A 167 -15.40 -17.08 -12.20
N ARG A 168 -16.00 -18.25 -11.99
CA ARG A 168 -17.15 -18.33 -11.08
C ARG A 168 -16.74 -18.01 -9.65
N GLY A 169 -15.55 -18.47 -9.24
CA GLY A 169 -15.06 -18.13 -7.91
C GLY A 169 -14.83 -16.65 -7.73
N MET A 170 -14.22 -16.00 -8.73
CA MET A 170 -14.03 -14.56 -8.67
C MET A 170 -15.35 -13.81 -8.76
N GLU A 171 -16.35 -14.39 -9.43
CA GLU A 171 -17.66 -13.75 -9.48
C GLU A 171 -18.28 -13.66 -8.07
N TYR A 172 -18.14 -14.72 -7.28
CA TYR A 172 -18.67 -14.70 -5.93
C TYR A 172 -17.89 -13.74 -5.04
N LEU A 173 -16.56 -13.74 -5.16
CA LEU A 173 -15.75 -12.85 -4.32
C LEU A 173 -16.06 -11.39 -4.61
N ALA A 174 -16.20 -11.03 -5.89
CA ALA A 174 -16.54 -9.67 -6.23
C ALA A 174 -17.94 -9.29 -5.73
N SER A 175 -18.86 -10.25 -5.69
CA SER A 175 -20.19 -9.98 -5.15
C SER A 175 -20.15 -9.68 -3.66
N GLN A 176 -19.14 -10.20 -2.96
CA GLN A 176 -18.93 -9.91 -1.55
C GLN A 176 -17.97 -8.75 -1.33
N LYS A 177 -17.69 -7.98 -2.39
CA LYS A 177 -16.81 -6.81 -2.32
C LYS A 177 -15.40 -7.20 -1.83
N CYS A 178 -14.93 -8.37 -2.28
CA CYS A 178 -13.59 -8.85 -1.97
C CYS A 178 -12.69 -8.62 -3.19
N ILE A 179 -11.59 -7.91 -2.98
CA ILE A 179 -10.60 -7.65 -4.02
C ILE A 179 -9.38 -8.51 -3.71
N HIS A 180 -9.04 -9.41 -4.64
CA HIS A 180 -8.01 -10.39 -4.36
C HIS A 180 -6.61 -9.77 -4.36
N ARG A 181 -6.33 -8.90 -5.33
CA ARG A 181 -5.08 -8.16 -5.45
C ARG A 181 -3.90 -9.04 -5.90
N ASP A 182 -4.05 -10.36 -5.87
CA ASP A 182 -2.96 -11.26 -6.21
C ASP A 182 -3.48 -12.49 -6.93
N LEU A 183 -4.42 -12.30 -7.85
CA LEU A 183 -4.98 -13.42 -8.60
C LEU A 183 -3.93 -13.94 -9.59
N ALA A 184 -3.64 -15.23 -9.51
CA ALA A 184 -2.65 -15.87 -10.37
C ALA A 184 -2.81 -17.37 -10.25
N ALA A 185 -2.24 -18.09 -11.23
CA ALA A 185 -2.37 -19.55 -11.24
C ALA A 185 -1.75 -20.18 -9.99
N ARG A 186 -0.70 -19.55 -9.43
CA ARG A 186 -0.10 -20.07 -8.21
C ARG A 186 -1.04 -19.96 -7.01
N ASN A 187 -1.99 -19.01 -7.05
CA ASN A 187 -2.94 -18.82 -5.98
C ASN A 187 -4.28 -19.48 -6.27
N VAL A 188 -4.31 -20.44 -7.19
CA VAL A 188 -5.48 -21.27 -7.44
C VAL A 188 -5.09 -22.71 -7.13
N LEU A 189 -5.86 -23.35 -6.26
CA LEU A 189 -5.56 -24.71 -5.82
C LEU A 189 -6.51 -25.70 -6.48
N VAL A 190 -6.01 -26.91 -6.71
CA VAL A 190 -6.75 -27.96 -7.39
C VAL A 190 -6.97 -29.12 -6.41
N THR A 191 -8.22 -29.55 -6.27
CA THR A 191 -8.56 -30.62 -5.35
C THR A 191 -8.36 -31.98 -6.00
N GLU A 192 -8.65 -33.03 -5.23
CA GLU A 192 -8.57 -34.39 -5.77
C GLU A 192 -9.60 -34.60 -6.88
N ASP A 193 -10.75 -33.95 -6.79
CA ASP A 193 -11.79 -34.04 -7.79
C ASP A 193 -11.62 -33.01 -8.92
N ASN A 194 -10.43 -32.44 -9.06
CA ASN A 194 -10.12 -31.47 -10.12
C ASN A 194 -11.03 -30.25 -10.04
N VAL A 195 -11.32 -29.80 -8.83
CA VAL A 195 -12.11 -28.59 -8.59
C VAL A 195 -11.16 -27.44 -8.32
N MET A 196 -11.40 -26.30 -8.98
CA MET A 196 -10.56 -25.12 -8.80
C MET A 196 -11.05 -24.32 -7.61
N LYS A 197 -10.14 -23.94 -6.73
CA LYS A 197 -10.46 -23.16 -5.55
C LYS A 197 -9.46 -22.02 -5.41
N ILE A 198 -9.97 -20.79 -5.37
CA ILE A 198 -9.12 -19.62 -5.23
C ILE A 198 -8.66 -19.52 -3.77
N ALA A 199 -7.36 -19.30 -3.57
CA ALA A 199 -6.77 -19.22 -2.26
C ALA A 199 -6.17 -17.83 -2.03
N ASP A 200 -5.88 -17.55 -0.76
CA ASP A 200 -5.20 -16.32 -0.34
C ASP A 200 -5.99 -15.07 -0.74
N PHE A 201 -7.32 -15.16 -0.66
CA PHE A 201 -8.17 -14.04 -0.99
C PHE A 201 -8.49 -13.15 0.22
N GLY A 202 -8.39 -13.69 1.43
CA GLY A 202 -8.70 -12.92 2.62
C GLY A 202 -7.49 -12.38 3.34
N LEU A 203 -6.37 -12.29 2.64
CA LEU A 203 -5.13 -11.81 3.26
C LEU A 203 -5.23 -10.31 3.58
N ALA A 204 -4.50 -9.90 4.60
CA ALA A 204 -4.45 -8.50 4.98
C ALA A 204 -3.40 -7.76 4.16
N ARG A 205 -3.61 -6.47 3.98
CA ARG A 205 -2.74 -5.63 3.18
C ARG A 205 -2.05 -4.60 4.06
N ASP A 206 -1.03 -3.95 3.50
CA ASP A 206 -0.37 -2.85 4.20
C ASP A 206 -1.31 -1.67 4.29
N VAL A 207 -2.16 -1.66 5.32
CA VAL A 207 -3.22 -0.65 5.41
C VAL A 207 -2.70 0.65 5.98
N HIS A 208 -1.98 0.59 7.09
CA HIS A 208 -1.52 1.80 7.76
C HIS A 208 -0.27 2.36 7.08
N ASN A 209 0.86 1.66 7.21
CA ASN A 209 2.12 2.08 6.60
C ASN A 209 2.29 1.31 5.30
N LEU A 210 1.65 1.82 4.24
CA LEU A 210 1.72 1.17 2.94
C LEU A 210 3.03 1.50 2.20
N ASP A 211 3.61 2.66 2.48
CA ASP A 211 4.84 3.09 1.82
C ASP A 211 6.07 2.89 2.72
N TYR A 212 5.97 2.04 3.72
CA TYR A 212 7.07 1.75 4.64
C TYR A 212 7.24 0.24 4.71
N TYR A 213 8.46 -0.23 4.45
CA TYR A 213 8.73 -1.66 4.40
C TYR A 213 9.88 -2.01 5.34
N LYS A 214 9.85 -3.24 5.84
CA LYS A 214 10.86 -3.74 6.76
C LYS A 214 11.51 -4.96 6.14
N LYS A 215 12.83 -5.07 6.29
CA LYS A 215 13.59 -6.18 5.73
C LYS A 215 13.03 -7.53 6.22
N THR A 216 12.06 -8.06 5.50
CA THR A 216 11.41 -9.31 5.87
C THR A 216 12.15 -10.51 5.28
N THR A 217 11.56 -11.13 4.25
CA THR A 217 12.19 -12.27 3.60
C THR A 217 12.21 -12.07 2.09
N ASN A 218 11.20 -12.58 1.40
CA ASN A 218 11.10 -12.42 -0.05
C ASN A 218 9.67 -12.70 -0.48
N GLY A 219 9.42 -12.56 -1.78
CA GLY A 219 8.09 -12.72 -2.34
C GLY A 219 7.76 -11.64 -3.34
N ARG A 220 8.12 -10.40 -3.02
CA ARG A 220 7.98 -9.25 -3.90
C ARG A 220 6.53 -8.98 -4.28
N LEU A 221 6.32 -8.10 -5.26
CA LEU A 221 5.07 -7.65 -5.89
C LEU A 221 4.80 -8.46 -7.15
N PRO A 222 3.54 -8.85 -7.40
CA PRO A 222 3.19 -9.57 -8.63
C PRO A 222 2.96 -8.61 -9.80
N VAL A 223 4.02 -7.88 -10.17
CA VAL A 223 3.89 -6.81 -11.15
C VAL A 223 3.45 -7.33 -12.51
N LYS A 224 3.84 -8.55 -12.87
CA LYS A 224 3.48 -9.10 -14.18
C LYS A 224 2.04 -9.59 -14.22
N TRP A 225 1.31 -9.55 -13.11
CA TRP A 225 -0.12 -9.85 -13.07
C TRP A 225 -0.95 -8.61 -12.78
N MET A 226 -0.32 -7.46 -12.53
CA MET A 226 -1.02 -6.25 -12.12
C MET A 226 -1.40 -5.40 -13.31
N ALA A 227 -2.60 -4.81 -13.25
CA ALA A 227 -3.06 -3.89 -14.27
C ALA A 227 -2.19 -2.64 -14.29
N PRO A 228 -2.10 -1.96 -15.45
CA PRO A 228 -1.26 -0.76 -15.52
C PRO A 228 -1.62 0.30 -14.50
N GLU A 229 -2.92 0.55 -14.27
CA GLU A 229 -3.30 1.53 -13.26
C GLU A 229 -2.98 1.04 -11.86
N ALA A 230 -2.95 -0.28 -11.64
CA ALA A 230 -2.54 -0.81 -10.35
C ALA A 230 -1.04 -0.66 -10.14
N LEU A 231 -0.25 -0.81 -11.20
CA LEU A 231 1.19 -0.58 -11.11
C LEU A 231 1.50 0.88 -10.82
N PHE A 232 0.71 1.80 -11.39
CA PHE A 232 1.04 3.22 -11.33
C PHE A 232 0.62 3.85 -10.00
N ASP A 233 -0.53 3.45 -9.46
CA ASP A 233 -1.06 4.06 -8.25
C ASP A 233 -1.04 3.13 -7.05
N GLU A 234 -0.75 1.85 -7.22
CA GLU A 234 -0.85 0.86 -6.16
C GLU A 234 -2.24 0.87 -5.54
N VAL A 235 -3.25 0.96 -6.39
CA VAL A 235 -4.66 0.88 -6.00
C VAL A 235 -5.28 -0.31 -6.70
N TYR A 236 -5.98 -1.14 -5.95
CA TYR A 236 -6.53 -2.39 -6.46
C TYR A 236 -8.05 -2.33 -6.48
N THR A 237 -8.63 -2.75 -7.60
CA THR A 237 -10.08 -2.75 -7.79
C THR A 237 -10.51 -4.09 -8.35
N HIS A 238 -11.83 -4.29 -8.44
CA HIS A 238 -12.34 -5.45 -9.17
C HIS A 238 -11.92 -5.43 -10.63
N GLN A 239 -11.77 -4.23 -11.20
CA GLN A 239 -11.32 -4.12 -12.59
C GLN A 239 -9.87 -4.56 -12.74
N SER A 240 -9.02 -4.26 -11.74
CA SER A 240 -7.64 -4.73 -11.81
C SER A 240 -7.55 -6.23 -11.61
N ASP A 241 -8.45 -6.81 -10.78
CA ASP A 241 -8.52 -8.26 -10.69
C ASP A 241 -8.92 -8.89 -12.02
N VAL A 242 -9.74 -8.20 -12.82
CA VAL A 242 -10.10 -8.71 -14.13
C VAL A 242 -8.86 -8.78 -15.03
N TRP A 243 -8.02 -7.75 -15.00
CA TRP A 243 -6.76 -7.79 -15.74
C TRP A 243 -5.94 -9.00 -15.31
N SER A 244 -5.81 -9.22 -14.00
CA SER A 244 -5.04 -10.36 -13.51
C SER A 244 -5.65 -11.67 -13.97
N PHE A 245 -6.98 -11.74 -14.07
CA PHE A 245 -7.62 -12.95 -14.58
C PHE A 245 -7.24 -13.20 -16.04
N GLY A 246 -7.02 -12.12 -16.81
CA GLY A 246 -6.53 -12.29 -18.17
C GLY A 246 -5.15 -12.91 -18.21
N VAL A 247 -4.27 -12.47 -17.31
CA VAL A 247 -2.94 -13.08 -17.22
C VAL A 247 -3.06 -14.54 -16.78
N LEU A 248 -3.96 -14.80 -15.82
CA LEU A 248 -4.20 -16.19 -15.40
C LEU A 248 -4.72 -17.03 -16.56
N LEU A 249 -5.60 -16.46 -17.38
CA LEU A 249 -6.06 -17.17 -18.58
C LEU A 249 -4.89 -17.50 -19.49
N TRP A 250 -3.93 -16.58 -19.60
CA TRP A 250 -2.75 -16.83 -20.42
C TRP A 250 -1.90 -17.95 -19.85
N GLU A 251 -1.86 -18.08 -18.51
CA GLU A 251 -1.11 -19.18 -17.90
C GLU A 251 -1.76 -20.52 -18.18
N ILE A 252 -3.09 -20.55 -18.22
CA ILE A 252 -3.80 -21.81 -18.40
C ILE A 252 -3.47 -22.42 -19.76
N PHE A 253 -3.54 -21.63 -20.82
CA PHE A 253 -3.36 -22.14 -22.17
C PHE A 253 -1.90 -22.15 -22.62
N THR A 254 -0.98 -21.63 -21.80
CA THR A 254 0.44 -21.90 -21.95
C THR A 254 0.90 -23.04 -21.05
N LEU A 255 -0.01 -23.62 -20.26
CA LEU A 255 0.31 -24.70 -19.33
C LEU A 255 1.40 -24.27 -18.35
N GLY A 256 1.23 -23.08 -17.77
CA GLY A 256 2.17 -22.58 -16.79
C GLY A 256 3.32 -21.78 -17.34
N GLY A 257 3.11 -21.05 -18.43
CA GLY A 257 4.16 -20.20 -18.96
C GLY A 257 4.34 -18.94 -18.15
N SER A 258 5.56 -18.39 -18.19
CA SER A 258 5.84 -17.18 -17.44
C SER A 258 5.45 -15.95 -18.25
N PRO A 259 4.69 -15.02 -17.68
CA PRO A 259 4.24 -13.86 -18.46
C PRO A 259 5.39 -12.91 -18.79
N TYR A 260 5.26 -12.26 -19.95
CA TYR A 260 6.23 -11.28 -20.43
C TYR A 260 7.67 -11.77 -20.29
N PRO A 261 8.05 -12.84 -20.99
CA PRO A 261 9.40 -13.39 -20.83
C PRO A 261 10.44 -12.44 -21.41
N GLY A 262 11.48 -12.18 -20.62
CA GLY A 262 12.58 -11.35 -21.06
C GLY A 262 12.38 -9.86 -20.90
N ILE A 263 11.20 -9.41 -20.47
CA ILE A 263 10.92 -7.99 -20.32
C ILE A 263 11.35 -7.57 -18.91
N PRO A 264 12.29 -6.64 -18.79
CA PRO A 264 12.74 -6.23 -17.44
C PRO A 264 11.62 -5.58 -16.65
N VAL A 265 11.72 -5.72 -15.32
CA VAL A 265 10.66 -5.26 -14.44
C VAL A 265 10.52 -3.73 -14.49
N GLU A 266 11.61 -3.02 -14.76
CA GLU A 266 11.57 -1.57 -14.76
C GLU A 266 11.04 -0.98 -16.06
N GLU A 267 10.75 -1.82 -17.07
CA GLU A 267 10.21 -1.36 -18.33
C GLU A 267 8.81 -1.90 -18.61
N LEU A 268 8.25 -2.70 -17.70
CA LEU A 268 6.97 -3.34 -17.97
C LEU A 268 5.84 -2.32 -18.07
N PHE A 269 5.79 -1.37 -17.14
CA PHE A 269 4.69 -0.40 -17.14
C PHE A 269 4.68 0.43 -18.41
N LYS A 270 5.86 0.88 -18.85
CA LYS A 270 5.93 1.72 -20.05
C LYS A 270 5.47 0.94 -21.28
N LEU A 271 5.85 -0.34 -21.38
CA LEU A 271 5.43 -1.14 -22.52
C LEU A 271 3.92 -1.39 -22.51
N LEU A 272 3.35 -1.69 -21.35
CA LEU A 272 1.90 -1.88 -21.27
C LEU A 272 1.16 -0.59 -21.58
N LYS A 273 1.67 0.54 -21.07
CA LYS A 273 1.04 1.83 -21.33
C LYS A 273 1.06 2.18 -22.81
N GLU A 274 2.08 1.72 -23.54
CA GLU A 274 2.19 1.98 -24.97
C GLU A 274 1.40 0.99 -25.81
N GLY A 275 0.76 0.00 -25.21
CA GLY A 275 -0.13 -0.91 -25.93
C GLY A 275 0.36 -2.33 -26.07
N HIS A 276 1.52 -2.67 -25.49
CA HIS A 276 2.03 -4.03 -25.61
C HIS A 276 1.13 -5.01 -24.88
N ARG A 277 0.83 -6.14 -25.53
CA ARG A 277 0.07 -7.23 -24.93
C ARG A 277 0.73 -8.54 -25.33
N MET A 278 0.53 -9.57 -24.50
CA MET A 278 1.12 -10.87 -24.78
C MET A 278 0.44 -11.52 -25.99
N ASP A 279 1.25 -12.24 -26.77
CA ASP A 279 0.75 -12.86 -27.99
C ASP A 279 -0.16 -14.04 -27.67
N LYS A 280 -0.88 -14.50 -28.69
CA LYS A 280 -1.78 -15.63 -28.51
C LYS A 280 -0.96 -16.90 -28.29
N PRO A 281 -1.21 -17.65 -27.22
CA PRO A 281 -0.47 -18.88 -26.99
C PRO A 281 -0.75 -19.93 -28.07
N ALA A 282 0.21 -20.83 -28.24
CA ALA A 282 0.07 -21.89 -29.22
C ALA A 282 -1.10 -22.79 -28.88
N ASN A 283 -1.88 -23.17 -29.90
CA ASN A 283 -3.08 -23.97 -29.76
C ASN A 283 -4.06 -23.32 -28.79
N CYS A 284 -4.53 -22.15 -29.20
CA CYS A 284 -5.51 -21.38 -28.45
C CYS A 284 -6.50 -20.78 -29.45
N THR A 285 -7.79 -20.97 -29.19
CA THR A 285 -8.80 -20.51 -30.13
C THR A 285 -8.87 -18.98 -30.15
N HIS A 286 -9.50 -18.46 -31.19
CA HIS A 286 -9.67 -17.01 -31.32
C HIS A 286 -10.55 -16.46 -30.20
N ASP A 287 -11.59 -17.21 -29.81
CA ASP A 287 -12.48 -16.72 -28.76
C ASP A 287 -11.76 -16.58 -27.43
N LEU A 288 -10.91 -17.56 -27.09
CA LEU A 288 -10.20 -17.50 -25.81
C LEU A 288 -9.20 -16.36 -25.77
N TYR A 289 -8.50 -16.11 -26.89
CA TYR A 289 -7.56 -15.00 -26.91
C TYR A 289 -8.28 -13.66 -26.86
N MET A 290 -9.48 -13.57 -27.42
CA MET A 290 -10.26 -12.35 -27.31
C MET A 290 -10.66 -12.07 -25.86
N ILE A 291 -10.95 -13.12 -25.09
CA ILE A 291 -11.29 -12.92 -23.68
C ILE A 291 -10.09 -12.38 -22.92
N MET A 292 -8.90 -12.91 -23.21
CA MET A 292 -7.68 -12.36 -22.60
C MET A 292 -7.51 -10.89 -22.96
N ARG A 293 -7.68 -10.55 -24.25
CA ARG A 293 -7.51 -9.18 -24.69
C ARG A 293 -8.57 -8.26 -24.11
N GLU A 294 -9.79 -8.76 -23.90
CA GLU A 294 -10.82 -7.94 -23.27
C GLU A 294 -10.46 -7.62 -21.82
N CYS A 295 -9.89 -8.59 -21.10
CA CYS A 295 -9.45 -8.33 -19.73
C CYS A 295 -8.28 -7.35 -19.69
N TRP A 296 -7.54 -7.21 -20.79
CA TRP A 296 -6.35 -6.36 -20.85
C TRP A 296 -6.63 -5.01 -21.49
N HIS A 297 -7.87 -4.53 -21.44
CA HIS A 297 -8.18 -3.22 -21.98
C HIS A 297 -7.51 -2.13 -21.13
N ALA A 298 -7.04 -1.09 -21.80
CA ALA A 298 -6.30 -0.04 -21.11
C ALA A 298 -7.19 0.70 -20.11
N ALA A 299 -8.47 0.87 -20.44
CA ALA A 299 -9.39 1.57 -19.55
C ALA A 299 -10.10 0.56 -18.66
N PRO A 300 -9.97 0.67 -17.34
CA PRO A 300 -10.62 -0.33 -16.46
C PRO A 300 -12.13 -0.38 -16.59
N SER A 301 -12.77 0.73 -16.95
CA SER A 301 -14.22 0.74 -17.10
C SER A 301 -14.70 -0.02 -18.32
N GLN A 302 -13.81 -0.28 -19.28
CA GLN A 302 -14.20 -1.00 -20.49
C GLN A 302 -14.00 -2.50 -20.38
N ARG A 303 -13.26 -2.97 -19.38
CA ARG A 303 -13.05 -4.39 -19.20
C ARG A 303 -14.37 -5.07 -18.82
N PRO A 304 -14.53 -6.35 -19.17
CA PRO A 304 -15.73 -7.07 -18.77
C PRO A 304 -15.72 -7.38 -17.28
N THR A 305 -16.92 -7.55 -16.72
CA THR A 305 -17.05 -7.97 -15.33
C THR A 305 -16.87 -9.48 -15.22
N PHE A 306 -16.63 -9.94 -13.99
CA PHE A 306 -16.52 -11.38 -13.76
C PHE A 306 -17.82 -12.09 -14.08
N LYS A 307 -18.96 -11.44 -13.85
CA LYS A 307 -20.25 -12.01 -14.26
C LYS A 307 -20.30 -12.19 -15.78
N GLN A 308 -19.77 -11.23 -16.53
CA GLN A 308 -19.76 -11.35 -17.99
C GLN A 308 -18.74 -12.40 -18.43
N LEU A 309 -17.60 -12.49 -17.72
CA LEU A 309 -16.60 -13.50 -18.07
C LEU A 309 -17.15 -14.92 -17.89
N VAL A 310 -17.95 -15.12 -16.85
CA VAL A 310 -18.56 -16.44 -16.63
C VAL A 310 -19.47 -16.80 -17.79
N GLU A 311 -20.24 -15.84 -18.30
CA GLU A 311 -21.15 -16.11 -19.41
C GLU A 311 -20.39 -16.45 -20.68
N ASP A 312 -19.32 -15.69 -20.98
CA ASP A 312 -18.59 -15.93 -22.22
C ASP A 312 -17.83 -17.24 -22.18
N LEU A 313 -17.26 -17.58 -21.02
CA LEU A 313 -16.58 -18.87 -20.89
C LEU A 313 -17.57 -20.03 -20.93
N ASP A 314 -18.78 -19.83 -20.40
CA ASP A 314 -19.80 -20.87 -20.46
C ASP A 314 -20.21 -21.16 -21.89
N ARG A 315 -20.36 -20.12 -22.71
CA ARG A 315 -20.77 -20.32 -24.10
C ARG A 315 -19.68 -21.06 -24.89
N VAL A 316 -18.41 -20.71 -24.66
CA VAL A 316 -17.32 -21.43 -25.30
C VAL A 316 -17.32 -22.90 -24.85
N LEU A 317 -17.65 -23.14 -23.60
CA LEU A 317 -17.62 -24.49 -23.05
C LEU A 317 -18.70 -25.37 -23.66
N THR A 318 -19.82 -24.78 -24.07
CA THR A 318 -20.92 -25.56 -24.63
C THR A 318 -20.63 -26.02 -26.05
N VAL A 319 -20.08 -25.14 -26.90
CA VAL A 319 -19.78 -25.50 -28.28
C VAL A 319 -18.52 -26.34 -28.41
N THR A 320 -17.72 -26.43 -27.35
CA THR A 320 -16.52 -27.25 -27.35
C THR A 320 -16.85 -28.66 -26.86
N SER A 321 -16.32 -29.66 -27.55
CA SER A 321 -16.60 -31.05 -27.21
C SER A 321 -15.40 -31.90 -27.61
N THR A 322 -15.08 -32.88 -26.78
CA THR A 322 -13.97 -33.79 -27.05
C THR A 322 -14.41 -35.24 -26.94
N SER B 20 3.40 10.74 41.19
CA SER B 20 3.76 10.70 39.77
C SER B 20 3.12 11.87 39.02
N GLU B 21 3.65 13.07 39.24
CA GLU B 21 3.14 14.26 38.59
C GLU B 21 3.58 14.34 37.14
N LEU B 22 2.70 14.89 36.29
CA LEU B 22 2.98 15.12 34.88
C LEU B 22 2.73 16.60 34.57
N GLU B 23 3.55 17.47 35.17
CA GLU B 23 3.45 18.90 34.99
C GLU B 23 4.57 19.41 34.09
N LEU B 24 4.26 20.44 33.31
CA LEU B 24 5.19 21.04 32.36
C LEU B 24 5.49 22.48 32.76
N PRO B 25 6.66 22.99 32.39
CA PRO B 25 6.98 24.39 32.70
C PRO B 25 6.07 25.34 31.93
N ALA B 26 5.96 26.56 32.48
CA ALA B 26 5.06 27.57 31.93
C ALA B 26 5.77 28.38 30.86
N ASP B 27 5.09 28.60 29.73
CA ASP B 27 5.57 29.45 28.65
C ASP B 27 4.41 30.35 28.23
N PRO B 28 4.26 31.51 28.88
CA PRO B 28 3.04 32.30 28.66
C PRO B 28 2.87 32.84 27.25
N LYS B 29 3.96 33.04 26.51
CA LYS B 29 3.84 33.60 25.16
C LYS B 29 3.17 32.64 24.19
N TRP B 30 3.15 31.34 24.50
CA TRP B 30 2.51 30.35 23.64
C TRP B 30 1.28 29.71 24.29
N GLU B 31 0.98 30.04 25.54
CA GLU B 31 -0.08 29.37 26.27
C GLU B 31 -1.45 29.87 25.85
N LEU B 32 -2.37 28.93 25.63
CA LEU B 32 -3.77 29.24 25.37
C LEU B 32 -4.63 28.60 26.45
N SER B 33 -5.59 29.36 26.96
CA SER B 33 -6.52 28.82 27.94
C SER B 33 -7.36 27.72 27.32
N ARG B 34 -7.40 26.56 27.97
CA ARG B 34 -8.21 25.46 27.47
C ARG B 34 -9.70 25.73 27.54
N ALA B 35 -10.12 26.80 28.23
CA ALA B 35 -11.50 27.24 28.19
C ALA B 35 -11.89 27.83 26.84
N ARG B 36 -10.92 28.14 25.99
CA ARG B 36 -11.18 28.70 24.66
C ARG B 36 -11.01 27.67 23.56
N LEU B 37 -10.77 26.41 23.90
CA LEU B 37 -10.54 25.34 22.93
C LEU B 37 -11.60 24.26 23.12
N THR B 38 -12.34 23.95 22.06
CA THR B 38 -13.37 22.93 22.08
C THR B 38 -12.97 21.82 21.13
N LEU B 39 -12.66 20.65 21.69
CA LEU B 39 -12.22 19.52 20.87
C LEU B 39 -13.37 18.95 20.06
N GLY B 40 -13.07 18.50 18.85
CA GLY B 40 -14.10 18.01 17.95
C GLY B 40 -13.79 16.67 17.30
N LYS B 41 -13.97 16.61 15.98
CA LYS B 41 -13.86 15.34 15.28
C LYS B 41 -12.40 14.91 15.16
N PRO B 42 -12.10 13.63 15.37
CA PRO B 42 -10.73 13.16 15.17
C PRO B 42 -10.29 13.26 13.71
N LEU B 43 -8.99 13.48 13.52
CA LEU B 43 -8.40 13.58 12.20
C LEU B 43 -7.44 12.45 11.87
N GLY B 44 -7.00 11.68 12.86
CA GLY B 44 -6.07 10.60 12.62
C GLY B 44 -5.41 10.12 13.89
N GLU B 45 -5.36 8.80 14.07
CA GLU B 45 -4.79 8.19 15.27
C GLU B 45 -3.46 7.54 14.89
N GLY B 46 -2.36 8.11 15.39
CA GLY B 46 -1.05 7.58 15.15
C GLY B 46 -0.71 6.45 16.11
N ALA B 47 0.59 6.15 16.19
CA ALA B 47 1.08 5.10 17.09
C ALA B 47 1.28 5.61 18.52
N PHE B 48 1.91 6.77 18.68
CA PHE B 48 2.19 7.33 19.99
C PHE B 48 1.39 8.60 20.27
N GLY B 49 0.36 8.87 19.48
CA GLY B 49 -0.44 10.05 19.70
C GLY B 49 -1.69 10.04 18.84
N GLN B 50 -2.31 11.21 18.75
CA GLN B 50 -3.51 11.37 17.94
C GLN B 50 -3.72 12.84 17.62
N VAL B 51 -4.34 13.10 16.48
CA VAL B 51 -4.66 14.46 16.04
C VAL B 51 -6.17 14.59 15.97
N VAL B 52 -6.68 15.73 16.46
CA VAL B 52 -8.11 15.97 16.50
C VAL B 52 -8.40 17.37 16.01
N MET B 53 -9.55 17.53 15.36
CA MET B 53 -10.02 18.85 14.95
C MET B 53 -10.61 19.58 16.15
N ALA B 54 -10.44 20.90 16.17
CA ALA B 54 -10.91 21.69 17.29
C ALA B 54 -11.16 23.12 16.84
N GLU B 55 -11.87 23.87 17.68
CA GLU B 55 -12.20 25.27 17.42
C GLU B 55 -11.63 26.12 18.55
N ALA B 56 -10.85 27.14 18.17
CA ALA B 56 -10.24 28.05 19.13
C ALA B 56 -10.78 29.45 18.90
N ILE B 57 -11.11 30.14 19.99
CA ILE B 57 -11.66 31.49 19.93
C ILE B 57 -10.63 32.48 20.42
N GLY B 58 -10.70 33.70 19.88
CA GLY B 58 -9.79 34.75 20.30
C GLY B 58 -8.33 34.53 19.96
N ILE B 59 -8.04 33.73 18.94
CA ILE B 59 -6.67 33.43 18.57
C ILE B 59 -6.28 34.03 17.22
N ASP B 60 -7.23 34.43 16.38
CA ASP B 60 -6.91 35.00 15.09
C ASP B 60 -6.18 36.32 15.26
N LYS B 61 -5.10 36.50 14.50
CA LYS B 61 -4.28 37.70 14.60
C LYS B 61 -4.92 38.92 13.96
N ASP B 62 -5.86 38.72 13.02
CA ASP B 62 -6.56 39.84 12.39
C ASP B 62 -7.84 40.15 13.15
N ARG B 63 -8.90 39.40 12.86
CA ARG B 63 -10.19 39.58 13.53
C ARG B 63 -10.24 38.63 14.72
N ALA B 64 -10.09 39.19 15.93
CA ALA B 64 -10.01 38.36 17.13
C ALA B 64 -11.34 37.68 17.45
N ALA B 65 -12.46 38.33 17.16
CA ALA B 65 -13.76 37.74 17.44
C ALA B 65 -14.06 36.54 16.57
N LYS B 66 -13.28 36.32 15.51
CA LYS B 66 -13.52 35.20 14.61
C LYS B 66 -12.86 33.94 15.13
N PRO B 67 -13.61 32.90 15.46
CA PRO B 67 -12.99 31.64 15.88
C PRO B 67 -12.25 30.97 14.73
N VAL B 68 -11.28 30.13 15.10
CA VAL B 68 -10.38 29.49 14.14
C VAL B 68 -10.44 27.98 14.34
N THR B 69 -10.61 27.25 13.25
CA THR B 69 -10.51 25.79 13.28
C THR B 69 -9.04 25.40 13.22
N VAL B 70 -8.61 24.58 14.18
CA VAL B 70 -7.21 24.19 14.32
C VAL B 70 -7.13 22.67 14.45
N ALA B 71 -5.90 22.17 14.38
CA ALA B 71 -5.60 20.77 14.63
C ALA B 71 -4.82 20.68 15.94
N VAL B 72 -5.20 19.72 16.77
CA VAL B 72 -4.64 19.58 18.12
C VAL B 72 -3.91 18.25 18.21
N LYS B 73 -2.62 18.28 18.52
CA LYS B 73 -1.84 17.08 18.78
C LYS B 73 -1.87 16.80 20.28
N MET B 74 -2.34 15.61 20.64
CA MET B 74 -2.48 15.23 22.04
C MET B 74 -2.06 13.78 22.20
N LEU B 75 -1.97 13.35 23.46
CA LEU B 75 -1.60 11.98 23.78
C LEU B 75 -2.85 11.10 23.88
N LYS B 76 -2.67 9.81 23.60
CA LYS B 76 -3.76 8.87 23.72
C LYS B 76 -3.95 8.45 25.17
N ASP B 77 -5.01 7.66 25.41
CA ASP B 77 -5.36 7.28 26.77
C ASP B 77 -4.35 6.32 27.39
N ASP B 78 -3.53 5.64 26.58
CA ASP B 78 -2.53 4.70 27.06
C ASP B 78 -1.11 5.20 26.82
N ALA B 79 -0.93 6.53 26.80
CA ALA B 79 0.37 7.10 26.51
C ALA B 79 1.29 7.01 27.73
N THR B 80 2.56 6.71 27.47
CA THR B 80 3.56 6.64 28.51
C THR B 80 4.23 7.99 28.72
N ASP B 81 5.09 8.07 29.73
CA ASP B 81 5.81 9.32 29.99
C ASP B 81 6.80 9.66 28.89
N LYS B 82 7.23 8.67 28.11
CA LYS B 82 8.09 8.94 26.97
C LYS B 82 7.31 9.51 25.80
N ASP B 83 6.05 9.11 25.64
CA ASP B 83 5.20 9.72 24.62
C ASP B 83 5.01 11.21 24.88
N LEU B 84 4.91 11.58 26.16
CA LEU B 84 4.79 12.99 26.52
C LEU B 84 6.06 13.75 26.16
N SER B 85 7.22 13.19 26.49
CA SER B 85 8.49 13.83 26.16
C SER B 85 8.65 14.01 24.66
N ASP B 86 8.15 13.05 23.86
CA ASP B 86 8.22 13.19 22.42
C ASP B 86 7.34 14.32 21.92
N LEU B 87 6.11 14.43 22.46
CA LEU B 87 5.22 15.50 22.05
C LEU B 87 5.74 16.85 22.50
N VAL B 88 6.29 16.93 23.71
CA VAL B 88 6.88 18.18 24.19
C VAL B 88 8.06 18.58 23.31
N SER B 89 8.89 17.60 22.92
CA SER B 89 10.04 17.90 22.08
C SER B 89 9.61 18.41 20.71
N GLU B 90 8.54 17.83 20.15
CA GLU B 90 8.05 18.32 18.87
C GLU B 90 7.51 19.74 18.98
N MET B 91 6.85 20.06 20.11
CA MET B 91 6.37 21.41 20.32
C MET B 91 7.54 22.39 20.44
N GLU B 92 8.55 22.05 21.25
CA GLU B 92 9.70 22.92 21.42
C GLU B 92 10.49 23.04 20.12
N MET B 93 10.50 21.99 19.29
CA MET B 93 11.19 22.08 18.01
C MET B 93 10.49 23.05 17.08
N MET B 94 9.15 23.07 17.09
CA MET B 94 8.41 24.03 16.28
C MET B 94 8.66 25.46 16.77
N LYS B 95 8.90 25.64 18.06
CA LYS B 95 9.27 26.96 18.57
C LYS B 95 10.64 27.39 18.06
N MET B 96 11.61 26.47 18.07
CA MET B 96 12.97 26.82 17.70
C MET B 96 13.09 27.07 16.20
N ILE B 97 12.36 26.32 15.39
CA ILE B 97 12.48 26.44 13.94
C ILE B 97 11.89 27.76 13.45
N GLY B 98 10.76 28.16 14.03
CA GLY B 98 10.12 29.41 13.65
C GLY B 98 8.95 29.19 12.70
N LYS B 99 8.38 30.31 12.25
CA LYS B 99 7.19 30.31 11.44
C LYS B 99 7.52 30.53 9.97
N HIS B 100 6.77 29.86 9.09
CA HIS B 100 6.89 30.05 7.66
C HIS B 100 5.57 29.67 7.01
N LYS B 101 5.24 30.35 5.91
CA LYS B 101 3.94 30.18 5.27
C LYS B 101 3.75 28.77 4.74
N ASN B 102 4.84 28.11 4.30
CA ASN B 102 4.75 26.81 3.63
C ASN B 102 5.08 25.65 4.56
N ILE B 103 4.82 25.79 5.86
CA ILE B 103 4.93 24.69 6.81
C ILE B 103 3.71 24.73 7.74
N ILE B 104 3.47 23.61 8.40
CA ILE B 104 2.42 23.52 9.41
C ILE B 104 2.97 24.20 10.68
N ASN B 105 2.49 25.40 10.96
CA ASN B 105 3.05 26.20 12.04
C ASN B 105 2.40 25.87 13.38
N LEU B 106 3.11 26.21 14.45
CA LEU B 106 2.56 26.14 15.79
C LEU B 106 1.75 27.39 16.09
N LEU B 107 0.55 27.20 16.63
CA LEU B 107 -0.33 28.31 16.97
C LEU B 107 -0.45 28.56 18.46
N GLY B 108 -0.25 27.54 19.28
CA GLY B 108 -0.41 27.69 20.72
C GLY B 108 -0.36 26.34 21.39
N ALA B 109 -0.51 26.36 22.70
CA ALA B 109 -0.43 25.14 23.49
C ALA B 109 -1.20 25.30 24.79
N CYS B 110 -1.80 24.21 25.24
CA CYS B 110 -2.45 24.13 26.55
C CYS B 110 -1.59 23.19 27.40
N THR B 111 -0.77 23.78 28.27
CA THR B 111 0.18 23.01 29.06
C THR B 111 -0.10 23.06 30.56
N GLN B 112 -1.02 23.91 31.01
CA GLN B 112 -1.28 24.09 32.43
C GLN B 112 -2.69 23.64 32.78
N GLY B 113 -2.81 22.92 33.89
CA GLY B 113 -4.11 22.51 34.40
C GLY B 113 -4.88 21.54 33.53
N GLY B 114 -4.20 20.53 32.99
CA GLY B 114 -4.85 19.53 32.17
C GLY B 114 -3.89 18.85 31.21
N PRO B 115 -4.41 17.98 30.35
CA PRO B 115 -3.56 17.29 29.39
C PRO B 115 -2.94 18.25 28.40
N LEU B 116 -1.83 17.81 27.80
CA LEU B 116 -1.08 18.64 26.86
C LEU B 116 -1.80 18.69 25.53
N TYR B 117 -2.14 19.89 25.07
CA TYR B 117 -2.72 20.12 23.76
C TYR B 117 -1.75 20.98 22.95
N VAL B 118 -1.28 20.47 21.83
CA VAL B 118 -0.38 21.19 20.94
C VAL B 118 -1.19 21.60 19.72
N LEU B 119 -1.44 22.90 19.58
CA LEU B 119 -2.27 23.43 18.52
C LEU B 119 -1.41 23.79 17.32
N VAL B 120 -1.72 23.18 16.16
CA VAL B 120 -1.05 23.46 14.91
C VAL B 120 -2.09 23.87 13.88
N GLU B 121 -1.61 24.38 12.75
CA GLU B 121 -2.50 24.86 11.69
C GLU B 121 -3.25 23.70 11.05
N TYR B 122 -4.51 23.96 10.68
CA TYR B 122 -5.40 22.96 10.11
C TYR B 122 -5.44 23.12 8.59
N ALA B 123 -5.26 22.01 7.87
CA ALA B 123 -5.27 21.99 6.41
C ALA B 123 -6.50 21.22 5.95
N ALA B 124 -7.49 21.93 5.41
CA ALA B 124 -8.81 21.35 5.20
C ALA B 124 -8.84 20.35 4.05
N LYS B 125 -7.94 20.49 3.07
CA LYS B 125 -8.01 19.70 1.86
C LYS B 125 -7.08 18.48 1.90
N GLY B 126 -6.63 18.08 3.08
CA GLY B 126 -5.87 16.85 3.22
C GLY B 126 -4.46 16.94 2.66
N ASN B 127 -3.85 15.76 2.51
CA ASN B 127 -2.48 15.66 2.03
C ASN B 127 -2.42 15.88 0.52
N LEU B 128 -1.20 16.11 0.03
CA LEU B 128 -1.01 16.47 -1.37
C LEU B 128 -1.31 15.30 -2.30
N ARG B 129 -1.00 14.07 -1.90
CA ARG B 129 -1.24 12.94 -2.79
C ARG B 129 -2.72 12.77 -3.09
N GLU B 130 -3.57 12.81 -2.07
CA GLU B 130 -5.00 12.70 -2.30
C GLU B 130 -5.57 13.97 -2.93
N PHE B 131 -4.92 15.12 -2.70
CA PHE B 131 -5.32 16.35 -3.36
C PHE B 131 -5.17 16.22 -4.88
N LEU B 132 -4.06 15.64 -5.33
CA LEU B 132 -3.81 15.51 -6.76
C LEU B 132 -4.66 14.40 -7.38
N ARG B 133 -4.78 13.25 -6.71
CA ARG B 133 -5.53 12.14 -7.27
C ARG B 133 -6.99 12.48 -7.45
N ALA B 134 -7.55 13.31 -6.57
CA ALA B 134 -8.95 13.71 -6.67
C ALA B 134 -9.18 14.79 -7.73
N ARG B 135 -8.13 15.24 -8.42
CA ARG B 135 -8.26 16.31 -9.41
C ARG B 135 -7.65 15.90 -10.74
N ARG B 136 -7.69 14.61 -11.05
CA ARG B 136 -7.27 14.13 -12.36
C ARG B 136 -8.38 14.33 -13.38
N PRO B 137 -8.04 14.36 -14.66
CA PRO B 137 -9.08 14.43 -15.68
C PRO B 137 -10.01 13.22 -15.59
N PRO B 138 -11.25 13.36 -16.03
CA PRO B 138 -12.20 12.24 -15.93
C PRO B 138 -11.72 11.02 -16.69
N GLY B 139 -11.88 9.86 -16.07
CA GLY B 139 -11.43 8.61 -16.67
C GLY B 139 -12.57 7.69 -17.07
N LEU B 140 -13.34 8.11 -18.07
CA LEU B 140 -14.44 7.33 -18.64
C LEU B 140 -15.52 6.99 -17.61
N ASP B 141 -15.62 7.77 -16.53
CA ASP B 141 -16.65 7.55 -15.52
C ASP B 141 -17.23 8.88 -15.03
N PRO B 150 -16.00 16.00 -10.98
CA PRO B 150 -16.74 17.26 -11.04
C PRO B 150 -16.20 18.31 -10.05
N GLU B 151 -14.98 18.10 -9.58
CA GLU B 151 -14.34 19.01 -8.63
C GLU B 151 -13.45 20.01 -9.36
N GLU B 152 -12.27 20.23 -8.83
CA GLU B 152 -11.35 21.20 -9.39
C GLU B 152 -10.58 20.58 -10.56
N GLN B 153 -9.89 21.44 -11.31
CA GLN B 153 -9.08 21.03 -12.45
C GLN B 153 -7.77 21.78 -12.38
N LEU B 154 -6.68 21.06 -12.08
CA LEU B 154 -5.38 21.67 -11.92
C LEU B 154 -4.70 21.87 -13.28
N THR B 155 -4.32 23.10 -13.57
CA THR B 155 -3.56 23.40 -14.78
C THR B 155 -2.09 23.05 -14.55
N PHE B 156 -1.29 23.20 -15.60
CA PHE B 156 0.14 22.89 -15.47
C PHE B 156 0.85 23.90 -14.58
N LYS B 157 0.46 25.18 -14.67
CA LYS B 157 1.07 26.19 -13.80
C LYS B 157 0.69 25.98 -12.35
N ASP B 158 -0.48 25.37 -12.09
CA ASP B 158 -0.85 25.02 -10.72
C ASP B 158 0.11 23.99 -10.15
N LEU B 159 0.51 23.02 -10.97
CA LEU B 159 1.45 21.99 -10.49
C LEU B 159 2.81 22.59 -10.20
N VAL B 160 3.28 23.50 -11.06
CA VAL B 160 4.56 24.16 -10.82
C VAL B 160 4.49 25.01 -9.55
N SER B 161 3.39 25.74 -9.38
CA SER B 161 3.21 26.52 -8.15
C SER B 161 3.20 25.63 -6.93
N CYS B 162 2.62 24.42 -7.05
CA CYS B 162 2.65 23.47 -5.94
CA CYS B 162 2.65 23.47 -5.93
C CYS B 162 4.07 23.08 -5.59
N ALA B 163 4.87 22.75 -6.61
CA ALA B 163 6.26 22.38 -6.37
C ALA B 163 7.08 23.57 -5.86
N TYR B 164 6.76 24.78 -6.33
CA TYR B 164 7.49 25.96 -5.87
C TYR B 164 7.26 26.23 -4.40
N GLN B 165 6.03 26.01 -3.91
CA GLN B 165 5.74 26.26 -2.51
C GLN B 165 6.43 25.24 -1.61
N VAL B 166 6.42 23.97 -2.00
CA VAL B 166 7.10 22.95 -1.20
C VAL B 166 8.61 23.21 -1.16
N ALA B 167 9.18 23.73 -2.25
CA ALA B 167 10.60 24.04 -2.26
C ALA B 167 10.93 25.17 -1.28
N ARG B 168 10.08 26.20 -1.23
CA ARG B 168 10.34 27.31 -0.31
C ARG B 168 10.22 26.86 1.14
N GLY B 169 9.27 25.96 1.43
CA GLY B 169 9.16 25.45 2.79
C GLY B 169 10.38 24.67 3.21
N MET B 170 10.93 23.84 2.30
CA MET B 170 12.13 23.09 2.62
C MET B 170 13.36 24.00 2.69
N GLU B 171 13.36 25.10 1.92
CA GLU B 171 14.47 26.05 2.01
C GLU B 171 14.52 26.69 3.39
N TYR B 172 13.35 27.02 3.95
CA TYR B 172 13.31 27.59 5.30
C TYR B 172 13.74 26.56 6.33
N LEU B 173 13.22 25.33 6.23
CA LEU B 173 13.59 24.29 7.18
C LEU B 173 15.08 23.97 7.11
N ALA B 174 15.64 23.94 5.90
CA ALA B 174 17.07 23.70 5.75
C ALA B 174 17.87 24.85 6.36
N SER B 175 17.40 26.09 6.19
CA SER B 175 18.09 27.23 6.79
C SER B 175 17.99 27.21 8.32
N GLN B 176 16.91 26.64 8.86
CA GLN B 176 16.72 26.50 10.30
C GLN B 176 17.26 25.17 10.83
N LYS B 177 18.23 24.58 10.14
CA LYS B 177 18.95 23.38 10.58
C LYS B 177 18.05 22.14 10.67
N CYS B 178 16.91 22.14 9.99
CA CYS B 178 15.95 21.06 10.11
C CYS B 178 16.02 20.14 8.89
N ILE B 179 16.28 18.86 9.13
CA ILE B 179 16.16 17.81 8.12
C ILE B 179 14.82 17.12 8.32
N HIS B 180 14.17 16.73 7.23
CA HIS B 180 12.83 16.14 7.33
C HIS B 180 12.85 14.62 7.39
N ARG B 181 13.75 13.97 6.63
CA ARG B 181 13.92 12.52 6.61
C ARG B 181 12.74 11.76 5.98
N ASP B 182 11.58 12.42 5.83
CA ASP B 182 10.41 11.76 5.28
C ASP B 182 9.63 12.71 4.39
N LEU B 183 10.33 13.39 3.49
CA LEU B 183 9.68 14.31 2.57
C LEU B 183 8.96 13.52 1.49
N ALA B 184 7.65 13.74 1.37
CA ALA B 184 6.83 13.05 0.38
C ALA B 184 5.51 13.80 0.27
N ALA B 185 4.73 13.46 -0.76
CA ALA B 185 3.47 14.14 -0.99
C ALA B 185 2.49 13.91 0.15
N ARG B 186 2.56 12.74 0.79
CA ARG B 186 1.67 12.46 1.92
C ARG B 186 1.98 13.35 3.12
N ASN B 187 3.21 13.86 3.24
CA ASN B 187 3.58 14.75 4.33
C ASN B 187 3.50 16.23 3.94
N VAL B 188 2.80 16.53 2.85
CA VAL B 188 2.51 17.91 2.45
C VAL B 188 0.99 18.08 2.51
N LEU B 189 0.54 19.04 3.30
CA LEU B 189 -0.88 19.28 3.50
C LEU B 189 -1.32 20.54 2.75
N VAL B 190 -2.57 20.54 2.30
CA VAL B 190 -3.14 21.63 1.52
C VAL B 190 -4.26 22.27 2.33
N THR B 191 -4.18 23.59 2.51
CA THR B 191 -5.19 24.31 3.27
C THR B 191 -6.39 24.65 2.39
N GLU B 192 -7.34 25.38 2.98
CA GLU B 192 -8.49 25.85 2.21
C GLU B 192 -8.07 26.83 1.12
N ASP B 193 -6.99 27.59 1.35
CA ASP B 193 -6.49 28.54 0.38
C ASP B 193 -5.48 27.91 -0.59
N ASN B 194 -5.46 26.59 -0.68
CA ASN B 194 -4.56 25.88 -1.61
C ASN B 194 -3.10 26.21 -1.34
N VAL B 195 -2.75 26.36 -0.07
CA VAL B 195 -1.38 26.64 0.35
C VAL B 195 -0.71 25.33 0.74
N MET B 196 0.45 25.07 0.13
CA MET B 196 1.21 23.86 0.46
C MET B 196 1.95 24.08 1.78
N LYS B 197 1.79 23.15 2.71
CA LYS B 197 2.41 23.23 4.02
C LYS B 197 3.04 21.90 4.37
N ILE B 198 4.35 21.92 4.64
CA ILE B 198 5.08 20.72 5.02
C ILE B 198 4.74 20.36 6.46
N ALA B 199 4.43 19.08 6.69
CA ALA B 199 4.04 18.60 8.01
C ALA B 199 5.05 17.60 8.53
N ASP B 200 4.99 17.37 9.85
CA ASP B 200 5.79 16.34 10.53
C ASP B 200 7.28 16.56 10.31
N PHE B 201 7.72 17.81 10.47
CA PHE B 201 9.12 18.16 10.34
C PHE B 201 9.86 18.22 11.67
N GLY B 202 9.14 18.19 12.79
CA GLY B 202 9.78 18.28 14.10
C GLY B 202 9.77 16.98 14.87
N LEU B 203 9.63 15.86 14.16
CA LEU B 203 9.59 14.53 14.79
C LEU B 203 11.00 14.02 15.02
N ALA B 204 11.70 14.68 15.95
CA ALA B 204 13.07 14.35 16.34
C ALA B 204 13.99 14.36 15.12
N ARG B 205 14.07 15.54 14.48
CA ARG B 205 14.79 15.68 13.21
C ARG B 205 15.39 17.08 13.17
N ASP B 206 16.69 17.18 13.47
CA ASP B 206 17.39 18.46 13.48
C ASP B 206 18.90 18.26 13.58
N VAL B 207 19.58 18.12 12.44
CA VAL B 207 21.03 17.93 12.42
C VAL B 207 21.66 18.77 11.32
N HIS B 208 22.24 19.91 11.69
CA HIS B 208 22.88 20.78 10.71
C HIS B 208 23.89 21.71 11.39
N ASN B 209 23.98 21.66 12.71
CA ASN B 209 24.90 22.53 13.44
C ASN B 209 26.32 22.37 12.93
N LEU B 210 26.79 21.12 12.81
CA LEU B 210 28.14 20.87 12.35
C LEU B 210 28.28 19.46 11.79
N ASP B 211 28.48 18.48 12.67
CA ASP B 211 28.69 17.11 12.23
C ASP B 211 27.37 16.42 11.93
N TYR B 212 27.44 15.40 11.06
CA TYR B 212 26.25 14.65 10.68
C TYR B 212 25.82 13.71 11.81
N TYR B 213 24.77 12.93 11.55
CA TYR B 213 24.17 12.10 12.58
C TYR B 213 23.53 10.88 11.94
N LYS B 214 23.74 9.73 12.57
CA LYS B 214 23.30 8.44 12.05
C LYS B 214 21.97 8.05 12.69
N LYS B 215 21.49 6.86 12.37
CA LYS B 215 20.25 6.34 12.92
C LYS B 215 20.49 4.91 13.38
N THR B 216 19.41 4.17 13.60
CA THR B 216 19.46 2.80 14.08
C THR B 216 19.23 1.83 12.92
N THR B 217 18.97 0.56 13.25
CA THR B 217 18.76 -0.47 12.24
C THR B 217 17.28 -0.75 12.03
N ASN B 218 16.92 -2.02 11.93
CA ASN B 218 15.53 -2.47 11.74
C ASN B 218 15.02 -1.89 10.42
N GLY B 219 13.72 -1.59 10.35
CA GLY B 219 13.15 -1.05 9.14
C GLY B 219 12.03 -0.07 9.36
N ARG B 220 10.88 -0.28 8.72
CA ARG B 220 9.75 0.64 8.75
C ARG B 220 10.19 2.05 8.32
N LEU B 221 10.42 2.18 7.01
CA LEU B 221 10.97 3.40 6.46
C LEU B 221 10.59 3.49 5.00
N PRO B 222 10.38 4.71 4.47
CA PRO B 222 9.92 4.86 3.09
C PRO B 222 11.04 4.72 2.07
N VAL B 223 11.25 3.49 1.58
CA VAL B 223 12.38 3.21 0.70
C VAL B 223 12.29 4.00 -0.59
N LYS B 224 11.08 4.12 -1.15
CA LYS B 224 10.91 4.76 -2.45
C LYS B 224 11.26 6.24 -2.45
N TRP B 225 11.38 6.87 -1.27
CA TRP B 225 11.72 8.28 -1.19
C TRP B 225 13.12 8.54 -0.65
N MET B 226 13.84 7.50 -0.23
CA MET B 226 15.14 7.67 0.41
C MET B 226 16.27 7.65 -0.61
N ALA B 227 17.27 8.50 -0.39
CA ALA B 227 18.47 8.47 -1.20
C ALA B 227 19.24 7.17 -0.93
N PRO B 228 20.02 6.69 -1.91
CA PRO B 228 20.77 5.43 -1.70
C PRO B 228 21.72 5.50 -0.52
N GLU B 229 22.39 6.64 -0.31
CA GLU B 229 23.30 6.75 0.82
C GLU B 229 22.54 6.79 2.14
N ALA B 230 21.31 7.29 2.13
CA ALA B 230 20.47 7.21 3.32
C ALA B 230 19.92 5.81 3.55
N LEU B 231 19.89 4.98 2.51
CA LEU B 231 19.39 3.62 2.66
C LEU B 231 20.47 2.67 3.13
N PHE B 232 21.74 2.98 2.86
CA PHE B 232 22.85 2.07 3.21
C PHE B 232 23.32 2.32 4.63
N ASP B 233 23.95 3.47 4.88
CA ASP B 233 24.47 3.79 6.20
C ASP B 233 23.42 4.39 7.14
N GLU B 234 22.20 4.61 6.65
CA GLU B 234 21.09 5.11 7.46
C GLU B 234 21.46 6.42 8.16
N VAL B 235 21.95 7.38 7.36
CA VAL B 235 22.26 8.72 7.85
C VAL B 235 21.57 9.71 6.92
N TYR B 236 20.74 10.58 7.49
CA TYR B 236 19.94 11.52 6.73
C TYR B 236 20.57 12.91 6.79
N THR B 237 20.63 13.57 5.64
CA THR B 237 21.20 14.90 5.51
C THR B 237 20.23 15.79 4.74
N HIS B 238 20.62 17.06 4.56
CA HIS B 238 19.84 17.94 3.69
C HIS B 238 19.90 17.48 2.25
N GLN B 239 21.01 16.85 1.85
CA GLN B 239 21.12 16.34 0.49
C GLN B 239 20.20 15.14 0.27
N SER B 240 19.98 14.32 1.31
CA SER B 240 19.04 13.22 1.18
C SER B 240 17.61 13.72 1.06
N ASP B 241 17.28 14.83 1.73
CA ASP B 241 15.98 15.44 1.55
C ASP B 241 15.79 15.96 0.13
N VAL B 242 16.85 16.44 -0.50
CA VAL B 242 16.75 16.91 -1.88
C VAL B 242 16.39 15.75 -2.81
N TRP B 243 17.00 14.58 -2.59
CA TRP B 243 16.59 13.39 -3.31
C TRP B 243 15.10 13.12 -3.11
N SER B 244 14.62 13.24 -1.87
CA SER B 244 13.21 13.02 -1.59
C SER B 244 12.34 14.05 -2.30
N PHE B 245 12.82 15.30 -2.39
CA PHE B 245 12.07 16.32 -3.10
C PHE B 245 11.96 15.99 -4.58
N GLY B 246 13.01 15.41 -5.16
CA GLY B 246 12.92 14.96 -6.55
C GLY B 246 11.83 13.93 -6.75
N VAL B 247 11.70 12.98 -5.82
CA VAL B 247 10.62 12.01 -5.90
C VAL B 247 9.27 12.71 -5.70
N LEU B 248 9.23 13.71 -4.83
CA LEU B 248 8.01 14.48 -4.65
C LEU B 248 7.63 15.24 -5.92
N LEU B 249 8.63 15.72 -6.67
CA LEU B 249 8.35 16.34 -7.95
C LEU B 249 7.67 15.37 -8.90
N TRP B 250 8.13 14.13 -8.92
CA TRP B 250 7.50 13.11 -9.77
C TRP B 250 6.06 12.87 -9.35
N GLU B 251 5.77 12.91 -8.05
CA GLU B 251 4.40 12.71 -7.58
C GLU B 251 3.49 13.85 -8.04
N ILE B 252 4.02 15.07 -8.11
CA ILE B 252 3.19 16.22 -8.46
C ILE B 252 2.75 16.15 -9.91
N PHE B 253 3.68 15.88 -10.82
CA PHE B 253 3.39 15.91 -12.24
C PHE B 253 2.84 14.59 -12.77
N THR B 254 2.75 13.56 -11.93
CA THR B 254 1.96 12.38 -12.22
C THR B 254 0.59 12.43 -11.54
N LEU B 255 0.28 13.54 -10.85
CA LEU B 255 -0.97 13.71 -10.13
C LEU B 255 -1.17 12.60 -9.08
N GLY B 256 -0.12 12.36 -8.30
CA GLY B 256 -0.20 11.42 -7.20
C GLY B 256 0.11 9.99 -7.55
N GLY B 257 1.00 9.74 -8.50
CA GLY B 257 1.39 8.39 -8.80
C GLY B 257 2.33 7.81 -7.76
N SER B 258 2.34 6.49 -7.66
CA SER B 258 3.26 5.81 -6.76
C SER B 258 4.61 5.64 -7.46
N PRO B 259 5.71 6.01 -6.81
CA PRO B 259 7.01 6.04 -7.50
C PRO B 259 7.45 4.65 -7.96
N TYR B 260 8.25 4.65 -9.02
CA TYR B 260 8.84 3.45 -9.63
C TYR B 260 7.77 2.41 -9.95
N PRO B 261 6.85 2.70 -10.88
CA PRO B 261 5.79 1.73 -11.21
C PRO B 261 6.38 0.47 -11.84
N GLY B 262 5.93 -0.69 -11.35
CA GLY B 262 6.39 -1.96 -11.84
C GLY B 262 7.68 -2.48 -11.22
N ILE B 263 8.29 -1.71 -10.31
CA ILE B 263 9.54 -2.10 -9.67
C ILE B 263 9.22 -2.56 -8.26
N PRO B 264 9.41 -3.84 -7.93
CA PRO B 264 9.23 -4.27 -6.54
C PRO B 264 10.25 -3.59 -5.63
N VAL B 265 9.84 -3.39 -4.37
CA VAL B 265 10.69 -2.70 -3.41
C VAL B 265 12.01 -3.45 -3.20
N GLU B 266 11.94 -4.78 -3.19
CA GLU B 266 13.14 -5.57 -2.93
C GLU B 266 14.22 -5.35 -3.99
N GLU B 267 13.83 -4.96 -5.20
CA GLU B 267 14.75 -4.80 -6.31
C GLU B 267 15.11 -3.34 -6.59
N LEU B 268 14.63 -2.41 -5.77
CA LEU B 268 14.81 -0.99 -6.07
C LEU B 268 16.24 -0.55 -5.84
N PHE B 269 16.81 -0.91 -4.69
CA PHE B 269 18.15 -0.44 -4.34
C PHE B 269 19.19 -0.91 -5.34
N LYS B 270 19.06 -2.15 -5.81
CA LYS B 270 20.01 -2.66 -6.80
C LYS B 270 19.90 -1.92 -8.13
N LEU B 271 18.67 -1.58 -8.53
CA LEU B 271 18.49 -0.86 -9.79
C LEU B 271 19.01 0.57 -9.69
N LEU B 272 18.85 1.20 -8.52
CA LEU B 272 19.35 2.57 -8.35
C LEU B 272 20.88 2.61 -8.37
N LYS B 273 21.53 1.60 -7.81
CA LYS B 273 22.99 1.53 -7.87
C LYS B 273 23.48 1.38 -9.29
N GLU B 274 22.76 0.60 -10.10
CA GLU B 274 23.14 0.38 -11.49
C GLU B 274 22.83 1.55 -12.41
N GLY B 275 22.18 2.59 -11.89
CA GLY B 275 21.93 3.81 -12.66
C GLY B 275 20.50 4.02 -13.12
N HIS B 276 19.54 3.28 -12.60
CA HIS B 276 18.16 3.46 -13.04
C HIS B 276 17.57 4.73 -12.43
N ARG B 277 16.81 5.46 -13.26
CA ARG B 277 16.07 6.62 -12.83
C ARG B 277 14.69 6.59 -13.49
N MET B 278 13.71 7.15 -12.79
CA MET B 278 12.34 7.14 -13.31
C MET B 278 12.25 7.89 -14.63
N ASP B 279 11.38 7.42 -15.51
CA ASP B 279 11.16 8.08 -16.80
C ASP B 279 10.43 9.40 -16.60
N LYS B 280 10.48 10.24 -17.62
CA LYS B 280 9.80 11.52 -17.56
C LYS B 280 8.29 11.30 -17.52
N PRO B 281 7.58 11.92 -16.58
CA PRO B 281 6.12 11.78 -16.54
C PRO B 281 5.48 12.33 -17.80
N ALA B 282 4.29 11.81 -18.09
CA ALA B 282 3.54 12.28 -19.25
C ALA B 282 3.13 13.74 -19.06
N ASN B 283 3.24 14.52 -20.14
CA ASN B 283 2.90 15.95 -20.12
C ASN B 283 3.72 16.70 -19.07
N CYS B 284 5.01 16.40 -19.00
CA CYS B 284 5.95 17.10 -18.13
C CYS B 284 7.03 17.71 -19.00
N THR B 285 7.31 19.01 -18.79
CA THR B 285 8.28 19.70 -19.62
C THR B 285 9.68 19.13 -19.43
N HIS B 286 10.53 19.35 -20.43
CA HIS B 286 11.90 18.86 -20.36
C HIS B 286 12.68 19.54 -19.24
N ASP B 287 12.48 20.85 -19.05
CA ASP B 287 13.20 21.57 -18.01
C ASP B 287 12.84 21.04 -16.62
N LEU B 288 11.55 20.79 -16.37
CA LEU B 288 11.15 20.26 -15.08
C LEU B 288 11.66 18.84 -14.88
N TYR B 289 11.82 18.07 -15.95
CA TYR B 289 12.43 16.75 -15.82
C TYR B 289 13.92 16.85 -15.52
N MET B 290 14.59 17.88 -16.06
CA MET B 290 16.01 18.08 -15.74
C MET B 290 16.19 18.46 -14.28
N ILE B 291 15.34 19.35 -13.75
CA ILE B 291 15.37 19.66 -12.33
C ILE B 291 15.11 18.40 -11.51
N MET B 292 14.14 17.59 -11.94
CA MET B 292 13.84 16.34 -11.26
C MET B 292 15.04 15.40 -11.27
N ARG B 293 15.75 15.32 -12.41
CA ARG B 293 16.81 14.34 -12.56
C ARG B 293 18.08 14.71 -11.79
N GLU B 294 18.38 16.00 -11.66
CA GLU B 294 19.56 16.38 -10.90
C GLU B 294 19.36 16.22 -9.39
N CYS B 295 18.11 16.19 -8.93
CA CYS B 295 17.86 15.82 -7.54
C CYS B 295 18.28 14.39 -7.26
N TRP B 296 18.26 13.53 -8.28
CA TRP B 296 18.61 12.12 -8.14
C TRP B 296 20.06 11.85 -8.51
N HIS B 297 20.93 12.83 -8.33
CA HIS B 297 22.35 12.62 -8.57
C HIS B 297 22.91 11.64 -7.54
N ALA B 298 23.71 10.68 -8.01
CA ALA B 298 24.26 9.66 -7.12
C ALA B 298 25.11 10.29 -6.03
N ALA B 299 25.96 11.24 -6.38
CA ALA B 299 26.78 11.93 -5.40
C ALA B 299 25.95 13.00 -4.71
N PRO B 300 25.77 12.94 -3.38
CA PRO B 300 24.96 13.96 -2.70
C PRO B 300 25.52 15.36 -2.83
N SER B 301 26.83 15.51 -3.06
CA SER B 301 27.44 16.83 -3.19
C SER B 301 26.95 17.54 -4.44
N GLN B 302 26.59 16.80 -5.49
CA GLN B 302 26.22 17.38 -6.77
C GLN B 302 24.74 17.71 -6.89
N ARG B 303 23.92 17.24 -5.95
CA ARG B 303 22.51 17.60 -5.97
C ARG B 303 22.35 19.09 -5.67
N PRO B 304 21.34 19.73 -6.25
CA PRO B 304 21.13 21.15 -5.98
C PRO B 304 20.60 21.37 -4.57
N THR B 305 20.89 22.54 -4.02
CA THR B 305 20.34 22.91 -2.73
C THR B 305 18.88 23.35 -2.91
N PHE B 306 18.17 23.47 -1.79
CA PHE B 306 16.79 23.95 -1.87
C PHE B 306 16.73 25.40 -2.30
N LYS B 307 17.75 26.21 -1.97
CA LYS B 307 17.79 27.58 -2.44
C LYS B 307 17.91 27.63 -3.97
N GLN B 308 18.72 26.73 -4.54
CA GLN B 308 18.81 26.65 -5.99
C GLN B 308 17.52 26.09 -6.60
N LEU B 309 16.85 25.17 -5.91
CA LEU B 309 15.61 24.62 -6.42
C LEU B 309 14.51 25.68 -6.47
N VAL B 310 14.47 26.58 -5.48
CA VAL B 310 13.48 27.64 -5.49
C VAL B 310 13.70 28.57 -6.69
N GLU B 311 14.97 28.88 -6.99
CA GLU B 311 15.26 29.74 -8.13
C GLU B 311 14.97 29.04 -9.44
N ASP B 312 15.22 27.73 -9.52
CA ASP B 312 14.92 26.99 -10.74
C ASP B 312 13.41 26.93 -10.99
N LEU B 313 12.63 26.63 -9.95
CA LEU B 313 11.18 26.55 -10.12
C LEU B 313 10.56 27.93 -10.36
N ASP B 314 11.12 28.98 -9.75
CA ASP B 314 10.60 30.32 -9.99
C ASP B 314 10.85 30.75 -11.43
N ARG B 315 11.95 30.30 -12.04
CA ARG B 315 12.20 30.61 -13.44
C ARG B 315 11.15 29.95 -14.33
N VAL B 316 10.84 28.68 -14.06
CA VAL B 316 9.79 27.99 -14.81
C VAL B 316 8.44 28.66 -14.56
N LEU B 317 8.23 29.19 -13.36
CA LEU B 317 6.94 29.79 -13.02
C LEU B 317 6.72 31.11 -13.75
N THR B 318 7.78 31.87 -14.00
CA THR B 318 7.63 33.17 -14.66
C THR B 318 7.60 33.06 -16.18
N VAL B 319 8.07 31.94 -16.74
CA VAL B 319 8.03 31.74 -18.18
C VAL B 319 6.92 30.75 -18.52
N THR B 320 5.68 31.20 -18.40
CA THR B 320 4.52 30.37 -18.74
C THR B 320 3.48 31.17 -19.53
N SER B 321 3.93 32.13 -20.33
CA SER B 321 3.03 32.95 -21.13
C SER B 321 3.59 33.18 -22.53
#